data_2N3M
#
_entry.id   2N3M
#
_entity_poly.entity_id   1
_entity_poly.type   'polydeoxyribonucleotide'
_entity_poly.pdbx_seq_one_letter_code
;(DT)(DG)(DG)(DT)(DG)(DG)(DT)(DG)(DG)(DT)(DT)(DG)(DT)(DT)(DG)(DT)(DG)(DG)(DT)(DG)
(DG)(DT)(DG)(DG)(DT)(DG)(DG)(DT)
;
_entity_poly.pdbx_strand_id   A
#